data_3G10
#
_entry.id   3G10
#
_cell.length_a   53.124
_cell.length_b   53.991
_cell.length_c   95.646
_cell.angle_alpha   90.00
_cell.angle_beta   90.00
_cell.angle_gamma   90.00
#
_symmetry.space_group_name_H-M   'P 21 21 21'
#
loop_
_entity.id
_entity.type
_entity.pdbx_description
1 polymer 'CCR4-Not complex subunit Caf1'
2 non-polymer 'MAGNESIUM ION'
3 non-polymer 'MANGANESE (II) ION'
4 water water
#
_entity_poly.entity_id   1
_entity_poly.type   'polypeptide(L)'
_entity_poly.pdbx_seq_one_letter_code
;GMNSNFSYPALGVDGISSQISPIRDVWSTNLQQEMNLIMSLIERYPVVSMDTEFPGVVARPLGVFKSSDDYHYQTLRANV
DSLKIIQIGLALSDEEGNAPVEACTWQFNFTFNLQDDMYAPESIELLTKSGIDFKKHQEVGIEPADFAELLIGSGLVLQE
EVTWITFHSGYDFAYLLKAMTQIPLPAEYEEFYKILCIYFPKNYDIKYIMKSVLNNSKGLQDIADDLQIHRIGPQHQAGS
DALLTARIFFEIRSRYFDGSIDSRMLNQLYGLGSTGSVLWHNNSSTPQIQFRDLPGAHPSPTPSNAGIPTTLTNTSSAPN
FANSTFRFPPRVV
;
_entity_poly.pdbx_strand_id   A
#
loop_
_chem_comp.id
_chem_comp.type
_chem_comp.name
_chem_comp.formula
MG non-polymer 'MAGNESIUM ION' 'Mg 2'
MN non-polymer 'MANGANESE (II) ION' 'Mn 2'
#
# COMPACT_ATOMS: atom_id res chain seq x y z
N SER A 21 15.84 -4.70 14.91
CA SER A 21 14.67 -5.16 14.15
C SER A 21 14.55 -4.53 12.77
N PRO A 22 14.27 -5.36 11.75
CA PRO A 22 14.20 -4.89 10.36
C PRO A 22 12.86 -4.24 10.08
N ILE A 23 11.87 -4.54 10.92
CA ILE A 23 10.56 -3.91 10.82
C ILE A 23 10.31 -3.04 12.03
N ARG A 24 10.20 -1.74 11.79
CA ARG A 24 9.89 -0.78 12.86
C ARG A 24 8.39 -0.55 12.95
N ASP A 25 7.79 -1.05 14.02
CA ASP A 25 6.34 -0.92 14.21
C ASP A 25 5.98 0.46 14.72
N VAL A 26 4.91 1.03 14.17
CA VAL A 26 4.52 2.39 14.51
C VAL A 26 3.11 2.43 15.12
N TRP A 27 3.00 3.03 16.30
CA TRP A 27 1.70 3.22 16.94
C TRP A 27 1.52 4.70 17.22
N SER A 28 0.38 5.07 17.80
CA SER A 28 0.11 6.47 18.09
C SER A 28 1.19 7.13 18.96
N THR A 29 1.87 6.33 19.77
CA THR A 29 2.87 6.84 20.72
C THR A 29 4.22 7.27 20.10
N ASN A 30 4.57 6.71 18.94
CA ASN A 30 5.85 7.00 18.32
C ASN A 30 5.70 7.42 16.87
N LEU A 31 4.47 7.74 16.48
CA LEU A 31 4.18 8.14 15.11
C LEU A 31 5.11 9.27 14.68
N GLN A 32 5.12 10.33 15.47
CA GLN A 32 5.88 11.53 15.17
C GLN A 32 7.37 11.22 14.98
N GLN A 33 7.94 10.52 15.94
CA GLN A 33 9.35 10.11 15.88
C GLN A 33 9.62 9.35 14.58
N GLU A 34 8.75 8.38 14.27
CA GLU A 34 8.98 7.52 13.11
C GLU A 34 8.88 8.27 11.78
N MET A 35 7.92 9.18 11.65
CA MET A 35 7.81 9.98 10.44
C MET A 35 9.05 10.86 10.23
N ASN A 36 9.52 11.45 11.31
CA ASN A 36 10.74 12.25 11.24
C ASN A 36 11.91 11.46 10.67
N LEU A 37 12.06 10.22 11.11
CA LEU A 37 13.13 9.35 10.64
C LEU A 37 12.97 9.09 9.14
N ILE A 38 11.74 8.89 8.70
CA ILE A 38 11.45 8.68 7.28
C ILE A 38 11.68 9.94 6.45
N MET A 39 11.35 11.10 6.99
CA MET A 39 11.61 12.36 6.30
C MET A 39 13.11 12.61 6.18
N SER A 40 13.87 12.13 7.15
CA SER A 40 15.31 12.26 7.09
C SER A 40 15.93 11.35 6.02
N LEU A 41 15.19 10.32 5.61
CA LEU A 41 15.75 9.29 4.74
C LEU A 41 15.27 9.40 3.31
N ILE A 42 14.13 10.05 3.12
CA ILE A 42 13.42 10.00 1.83
C ILE A 42 14.23 10.49 0.64
N GLU A 43 15.12 11.45 0.86
CA GLU A 43 15.97 12.00 -0.22
C GLU A 43 17.05 11.02 -0.68
N ARG A 44 17.61 10.28 0.25
CA ARG A 44 18.56 9.21 -0.06
C ARG A 44 17.87 7.92 -0.53
N TYR A 45 16.64 7.69 -0.08
CA TYR A 45 15.91 6.46 -0.42
C TYR A 45 14.51 6.79 -0.95
N PRO A 46 14.43 7.23 -2.21
CA PRO A 46 13.22 7.84 -2.77
C PRO A 46 12.31 6.85 -3.47
N VAL A 47 12.58 5.55 -3.38
CA VAL A 47 11.62 4.54 -3.82
C VAL A 47 10.82 4.01 -2.62
N VAL A 48 9.53 4.35 -2.57
CA VAL A 48 8.67 3.93 -1.47
C VAL A 48 7.77 2.77 -1.86
N SER A 49 7.96 1.61 -1.24
CA SER A 49 7.07 0.48 -1.46
C SER A 49 6.00 0.41 -0.38
N MET A 50 4.79 0.07 -0.79
CA MET A 50 3.66 0.08 0.13
C MET A 50 2.75 -1.14 0.01
N ASP A 51 2.18 -1.53 1.13
CA ASP A 51 1.08 -2.48 1.18
C ASP A 51 0.10 -2.03 2.26
N THR A 52 -1.13 -2.53 2.19
CA THR A 52 -2.13 -2.20 3.20
C THR A 52 -2.81 -3.45 3.73
N GLU A 53 -3.52 -3.27 4.84
CA GLU A 53 -4.37 -4.32 5.39
C GLU A 53 -5.66 -3.69 5.89
N PHE A 54 -6.78 -4.10 5.31
CA PHE A 54 -8.10 -3.69 5.77
C PHE A 54 -8.95 -4.93 6.11
N PRO A 55 -10.15 -4.72 6.70
CA PRO A 55 -10.98 -5.83 7.17
C PRO A 55 -11.70 -6.58 6.05
N GLY A 56 -10.99 -6.83 4.95
CA GLY A 56 -11.52 -7.60 3.84
C GLY A 56 -12.56 -6.84 3.06
N VAL A 57 -13.30 -7.56 2.22
CA VAL A 57 -14.41 -7.00 1.46
C VAL A 57 -15.70 -7.41 2.14
N VAL A 58 -16.63 -6.46 2.30
CA VAL A 58 -17.89 -6.77 2.97
C VAL A 58 -19.16 -6.49 2.13
N ALA A 59 -18.99 -5.93 0.94
CA ALA A 59 -20.13 -5.68 0.06
C ALA A 59 -19.78 -5.44 -1.41
N ARG A 60 -20.76 -5.73 -2.28
CA ARG A 60 -20.63 -5.57 -3.72
C ARG A 60 -21.54 -4.49 -4.27
N PRO A 61 -21.05 -3.71 -5.24
CA PRO A 61 -21.82 -2.66 -5.92
C PRO A 61 -22.91 -3.24 -6.84
N LEU A 62 -24.17 -2.95 -6.51
CA LEU A 62 -25.31 -3.48 -7.26
C LEU A 62 -25.54 -2.75 -8.59
N GLY A 63 -26.21 -3.43 -9.52
CA GLY A 63 -26.63 -2.83 -10.77
C GLY A 63 -25.89 -3.32 -12.00
N VAL A 64 -25.77 -2.45 -13.00
CA VAL A 64 -24.92 -2.69 -14.17
C VAL A 64 -24.15 -1.40 -14.50
N PHE A 65 -22.90 -1.55 -14.95
CA PHE A 65 -21.97 -0.43 -15.00
C PHE A 65 -21.53 -0.07 -16.41
N LYS A 66 -20.80 1.05 -16.53
CA LYS A 66 -20.34 1.54 -17.82
C LYS A 66 -19.35 0.56 -18.48
N SER A 67 -18.60 -0.15 -17.64
CA SER A 67 -17.66 -1.17 -18.12
C SER A 67 -17.28 -2.14 -17.01
N SER A 68 -16.16 -2.84 -17.20
CA SER A 68 -15.64 -3.75 -16.17
C SER A 68 -14.64 -3.00 -15.28
N ASP A 69 -13.99 -1.98 -15.86
CA ASP A 69 -13.15 -1.09 -15.08
C ASP A 69 -14.02 -0.28 -14.14
N ASP A 70 -15.21 0.08 -14.62
CA ASP A 70 -16.14 0.87 -13.82
C ASP A 70 -16.80 0.03 -12.74
N TYR A 71 -16.99 -1.26 -13.01
CA TYR A 71 -17.46 -2.13 -11.95
C TYR A 71 -16.42 -2.19 -10.84
N HIS A 72 -15.15 -2.32 -11.23
CA HIS A 72 -14.04 -2.42 -10.29
C HIS A 72 -13.89 -1.15 -9.45
N TYR A 73 -13.98 0.01 -10.09
CA TYR A 73 -13.82 1.26 -9.36
C TYR A 73 -14.86 1.45 -8.25
N GLN A 74 -16.10 1.07 -8.56
CA GLN A 74 -17.19 1.24 -7.61
C GLN A 74 -17.12 0.20 -6.49
N THR A 75 -16.59 -0.97 -6.79
CA THR A 75 -16.40 -2.02 -5.79
C THR A 75 -15.40 -1.52 -4.76
N LEU A 76 -14.27 -1.04 -5.27
CA LEU A 76 -13.19 -0.45 -4.49
C LEU A 76 -13.67 0.77 -3.70
N ARG A 77 -14.30 1.71 -4.41
CA ARG A 77 -14.77 2.94 -3.78
C ARG A 77 -15.77 2.65 -2.65
N ALA A 78 -16.69 1.73 -2.89
CA ALA A 78 -17.64 1.35 -1.87
C ALA A 78 -16.91 0.81 -0.65
N ASN A 79 -15.98 -0.11 -0.88
CA ASN A 79 -15.26 -0.76 0.20
C ASN A 79 -14.33 0.16 1.00
N VAL A 80 -13.51 0.93 0.29
CA VAL A 80 -12.63 1.87 0.97
C VAL A 80 -13.43 2.81 1.88
N ASP A 81 -14.41 3.51 1.31
CA ASP A 81 -15.21 4.50 2.06
C ASP A 81 -15.70 4.02 3.42
N SER A 82 -16.17 2.78 3.50
CA SER A 82 -16.84 2.29 4.70
C SER A 82 -15.98 1.47 5.66
N LEU A 83 -14.88 0.93 5.17
CA LEU A 83 -14.03 0.06 5.99
C LEU A 83 -12.72 0.73 6.40
N LYS A 84 -12.41 0.67 7.69
CA LYS A 84 -11.21 1.30 8.24
C LYS A 84 -9.91 0.55 7.90
N ILE A 85 -8.85 1.29 7.65
CA ILE A 85 -7.56 0.71 7.37
C ILE A 85 -7.00 0.20 8.69
N ILE A 86 -6.26 -0.90 8.64
CA ILE A 86 -5.77 -1.54 9.85
C ILE A 86 -4.25 -1.45 9.94
N GLN A 87 -3.59 -1.64 8.80
CA GLN A 87 -2.13 -1.47 8.73
C GLN A 87 -1.74 -0.87 7.40
N ILE A 88 -0.70 -0.04 7.43
CA ILE A 88 -0.01 0.38 6.23
C ILE A 88 1.46 0.11 6.42
N GLY A 89 2.07 -0.46 5.39
CA GLY A 89 3.49 -0.74 5.41
C GLY A 89 4.19 0.09 4.36
N LEU A 90 5.27 0.76 4.77
CA LEU A 90 6.11 1.52 3.85
C LEU A 90 7.56 1.03 3.92
N ALA A 91 8.06 0.50 2.81
CA ALA A 91 9.47 0.14 2.72
C ALA A 91 10.29 1.05 1.79
N LEU A 92 11.31 1.69 2.34
CA LEU A 92 12.15 2.63 1.59
C LEU A 92 13.31 1.92 0.92
N SER A 93 13.61 2.34 -0.32
CA SER A 93 14.78 1.88 -1.06
C SER A 93 15.39 3.02 -1.87
N ASP A 94 16.66 2.90 -2.25
CA ASP A 94 17.23 3.83 -3.22
C ASP A 94 17.01 3.28 -4.63
N GLU A 95 17.41 4.05 -5.64
CA GLU A 95 17.08 3.70 -7.03
C GLU A 95 17.62 2.37 -7.53
N GLU A 96 18.45 1.71 -6.73
CA GLU A 96 18.92 0.37 -7.12
C GLU A 96 18.61 -0.69 -6.06
N GLY A 97 17.72 -0.37 -5.14
CA GLY A 97 17.10 -1.39 -4.29
C GLY A 97 17.66 -1.62 -2.89
N ASN A 98 18.49 -0.71 -2.42
CA ASN A 98 19.06 -0.86 -1.09
C ASN A 98 18.17 -0.23 -0.04
N ALA A 99 17.85 -0.98 1.01
CA ALA A 99 17.10 -0.42 2.13
C ALA A 99 18.02 0.39 3.01
N PRO A 100 17.45 1.33 3.76
CA PRO A 100 18.22 2.06 4.76
C PRO A 100 18.68 1.07 5.83
N VAL A 101 19.86 1.26 6.39
CA VAL A 101 20.30 0.36 7.45
C VAL A 101 19.39 0.51 8.66
N GLU A 102 18.72 1.65 8.74
CA GLU A 102 17.85 1.97 9.88
C GLU A 102 16.58 1.13 9.97
N ALA A 103 16.01 0.77 8.82
CA ALA A 103 14.79 -0.02 8.77
C ALA A 103 14.60 -0.63 7.38
N CYS A 104 14.32 -1.93 7.34
CA CYS A 104 13.96 -2.56 6.08
C CYS A 104 12.56 -2.10 5.67
N THR A 105 11.71 -1.89 6.66
CA THR A 105 10.30 -1.53 6.44
C THR A 105 9.65 -0.95 7.70
N TRP A 106 8.65 -0.10 7.51
CA TRP A 106 7.85 0.42 8.62
C TRP A 106 6.46 -0.16 8.57
N GLN A 107 5.85 -0.35 9.73
CA GLN A 107 4.51 -0.87 9.78
C GLN A 107 3.66 -0.01 10.69
N PHE A 108 2.77 0.77 10.08
CA PHE A 108 1.91 1.67 10.81
C PHE A 108 0.62 0.96 11.16
N ASN A 109 0.35 0.91 12.45
CA ASN A 109 -0.82 0.21 12.96
C ASN A 109 -1.86 1.21 13.38
N PHE A 110 -2.98 1.21 12.67
CA PHE A 110 -4.02 2.21 12.88
C PHE A 110 -5.10 1.78 13.88
N THR A 111 -5.90 2.75 14.29
CA THR A 111 -6.93 2.55 15.30
C THR A 111 -8.06 1.69 14.75
N PHE A 112 -8.53 0.75 15.56
CA PHE A 112 -9.58 -0.17 15.13
C PHE A 112 -10.30 -0.83 16.31
N ASN A 113 -11.62 -0.80 16.27
CA ASN A 113 -12.43 -1.34 17.36
C ASN A 113 -13.32 -2.52 16.91
N LEU A 114 -13.06 -3.70 17.49
CA LEU A 114 -13.73 -4.93 17.05
C LEU A 114 -15.26 -4.99 17.17
N GLN A 115 -15.84 -4.46 18.24
CA GLN A 115 -17.31 -4.47 18.35
C GLN A 115 -17.92 -3.27 17.63
N ASP A 116 -17.22 -2.13 17.68
CA ASP A 116 -17.74 -0.89 17.12
C ASP A 116 -17.62 -0.77 15.58
N ASP A 117 -16.51 -1.28 15.02
CA ASP A 117 -16.23 -1.11 13.59
C ASP A 117 -16.77 -2.24 12.69
N MET A 118 -16.79 -1.95 11.39
CA MET A 118 -17.34 -2.84 10.37
C MET A 118 -16.26 -3.74 9.76
N TYR A 119 -16.60 -4.99 9.44
CA TYR A 119 -15.61 -5.93 8.93
C TYR A 119 -16.14 -7.35 8.66
N ALA A 120 -15.45 -8.04 7.76
CA ALA A 120 -15.68 -9.46 7.48
C ALA A 120 -15.01 -10.31 8.55
N PRO A 121 -15.81 -11.08 9.30
CA PRO A 121 -15.33 -11.95 10.37
C PRO A 121 -14.12 -12.78 9.93
N GLU A 122 -14.10 -13.21 8.67
CA GLU A 122 -13.03 -14.05 8.16
C GLU A 122 -11.71 -13.30 8.08
N SER A 123 -11.76 -12.07 7.58
CA SER A 123 -10.58 -11.23 7.49
C SER A 123 -9.98 -11.03 8.86
N ILE A 124 -10.83 -10.80 9.85
CA ILE A 124 -10.37 -10.61 11.22
C ILE A 124 -9.65 -11.86 11.72
N GLU A 125 -10.25 -13.03 11.50
CA GLU A 125 -9.63 -14.27 11.95
C GLU A 125 -8.30 -14.49 11.27
N LEU A 126 -8.27 -14.22 9.96
CA LEU A 126 -7.05 -14.32 9.18
C LEU A 126 -5.96 -13.41 9.74
N LEU A 127 -6.36 -12.20 10.12
CA LEU A 127 -5.40 -11.23 10.62
C LEU A 127 -4.87 -11.67 11.97
N THR A 128 -5.77 -12.19 12.81
CA THR A 128 -5.41 -12.64 14.15
C THR A 128 -4.45 -13.80 14.07
N LYS A 129 -4.80 -14.81 13.30
CA LYS A 129 -3.89 -15.90 13.04
C LYS A 129 -2.58 -15.35 12.45
N SER A 130 -2.67 -14.24 11.73
CA SER A 130 -1.48 -13.63 11.12
C SER A 130 -0.55 -12.89 12.10
N GLY A 131 -0.97 -12.73 13.34
CA GLY A 131 -0.12 -12.09 14.34
C GLY A 131 -0.61 -10.74 14.83
N ILE A 132 -1.74 -10.28 14.31
CA ILE A 132 -2.31 -8.99 14.69
C ILE A 132 -2.75 -9.01 16.15
N ASP A 133 -2.81 -7.82 16.76
CA ASP A 133 -3.20 -7.66 18.14
C ASP A 133 -4.29 -6.59 18.24
N PHE A 134 -5.54 -7.01 18.09
CA PHE A 134 -6.63 -6.04 17.93
C PHE A 134 -6.86 -5.24 19.20
N LYS A 135 -6.29 -5.73 20.29
CA LYS A 135 -6.37 -5.09 21.57
C LYS A 135 -5.55 -3.81 21.49
N LYS A 136 -4.31 -3.97 21.06
CA LYS A 136 -3.37 -2.86 20.92
C LYS A 136 -3.79 -1.83 19.86
N HIS A 137 -4.50 -2.27 18.82
CA HIS A 137 -5.01 -1.35 17.82
C HIS A 137 -6.11 -0.45 18.35
N GLN A 138 -6.93 -1.00 19.23
CA GLN A 138 -8.00 -0.25 19.87
C GLN A 138 -7.42 0.81 20.83
N GLU A 139 -6.38 0.41 21.56
CA GLU A 139 -5.67 1.30 22.49
C GLU A 139 -4.81 2.33 21.77
N VAL A 140 -3.59 1.92 21.43
CA VAL A 140 -2.60 2.84 20.87
C VAL A 140 -2.58 2.85 19.34
N GLY A 141 -3.68 2.45 18.71
CA GLY A 141 -3.77 2.49 17.26
C GLY A 141 -3.59 3.93 16.81
N ILE A 142 -3.05 4.12 15.61
CA ILE A 142 -2.86 5.45 15.05
C ILE A 142 -4.13 5.95 14.39
N GLU A 143 -4.42 7.24 14.56
CA GLU A 143 -5.47 7.91 13.81
C GLU A 143 -5.06 8.21 12.37
N PRO A 144 -5.83 7.70 11.40
CA PRO A 144 -5.46 7.95 9.99
C PRO A 144 -5.35 9.45 9.67
N ALA A 145 -6.22 10.27 10.24
CA ALA A 145 -6.16 11.72 10.06
C ALA A 145 -4.78 12.31 10.38
N ASP A 146 -4.20 11.88 11.50
CA ASP A 146 -2.91 12.42 11.97
C ASP A 146 -1.77 11.94 11.09
N PHE A 147 -1.78 10.65 10.80
CA PHE A 147 -0.79 10.05 9.95
C PHE A 147 -0.81 10.73 8.59
N ALA A 148 -2.01 10.89 8.04
CA ALA A 148 -2.16 11.45 6.69
C ALA A 148 -1.59 12.86 6.62
N GLU A 149 -1.86 13.65 7.65
CA GLU A 149 -1.36 15.01 7.76
C GLU A 149 0.16 15.04 7.75
N LEU A 150 0.78 14.13 8.49
CA LEU A 150 2.23 14.00 8.49
C LEU A 150 2.76 13.54 7.12
N LEU A 151 2.02 12.64 6.49
CA LEU A 151 2.42 12.13 5.18
C LEU A 151 2.45 13.27 4.16
N ILE A 152 1.40 14.09 4.14
CA ILE A 152 1.33 15.20 3.20
C ILE A 152 2.54 16.12 3.32
N GLY A 153 3.03 16.31 4.54
CA GLY A 153 4.18 17.18 4.74
C GLY A 153 5.51 16.48 4.63
N SER A 154 5.50 15.18 4.38
CA SER A 154 6.72 14.38 4.53
C SER A 154 7.71 14.59 3.40
N GLY A 155 7.21 14.89 2.21
CA GLY A 155 8.03 14.89 1.01
C GLY A 155 7.89 13.58 0.26
N LEU A 156 7.09 12.67 0.79
CA LEU A 156 6.84 11.39 0.12
C LEU A 156 5.84 11.53 -1.00
N VAL A 157 4.78 12.32 -0.77
CA VAL A 157 3.77 12.59 -1.79
C VAL A 157 3.97 13.97 -2.46
N LEU A 158 3.36 14.15 -3.63
CA LEU A 158 3.39 15.45 -4.32
C LEU A 158 4.79 15.81 -4.84
N GLN A 159 5.64 14.79 -4.98
CA GLN A 159 7.02 14.98 -5.37
C GLN A 159 7.39 13.90 -6.36
N GLU A 160 7.82 14.29 -7.56
CA GLU A 160 8.14 13.33 -8.60
C GLU A 160 9.54 12.73 -8.42
N GLU A 161 10.28 13.25 -7.45
CA GLU A 161 11.55 12.65 -7.08
C GLU A 161 11.29 11.26 -6.50
N VAL A 162 10.18 11.14 -5.77
CA VAL A 162 9.79 9.90 -5.09
C VAL A 162 8.94 8.96 -5.99
N THR A 163 9.40 7.73 -6.16
CA THR A 163 8.62 6.70 -6.85
C THR A 163 7.83 5.83 -5.87
N TRP A 164 6.55 5.60 -6.15
CA TRP A 164 5.77 4.69 -5.31
C TRP A 164 5.60 3.30 -5.96
N ILE A 165 5.68 2.24 -5.17
CA ILE A 165 5.61 0.87 -5.69
C ILE A 165 4.58 0.06 -4.92
N THR A 166 3.67 -0.59 -5.63
CA THR A 166 2.61 -1.36 -4.98
C THR A 166 2.15 -2.53 -5.82
N PHE A 167 1.46 -3.46 -5.16
CA PHE A 167 0.85 -4.60 -5.83
C PHE A 167 -0.67 -4.47 -5.74
N HIS A 168 -1.35 -4.47 -6.88
CA HIS A 168 -2.79 -4.23 -6.89
C HIS A 168 -3.09 -3.02 -6.00
N SER A 169 -3.09 -1.84 -6.61
CA SER A 169 -2.95 -0.59 -5.88
C SER A 169 -4.09 0.41 -6.00
N GLY A 170 -5.25 0.01 -6.49
CA GLY A 170 -6.42 0.85 -6.35
C GLY A 170 -6.71 0.98 -4.87
N TYR A 171 -6.72 -0.15 -4.17
CA TYR A 171 -6.99 -0.19 -2.74
C TYR A 171 -5.95 0.54 -1.91
N ASP A 172 -4.68 0.24 -2.13
CA ASP A 172 -3.62 0.91 -1.38
C ASP A 172 -3.78 2.41 -1.50
N PHE A 173 -3.86 2.92 -2.73
CA PHE A 173 -3.93 4.35 -2.95
C PHE A 173 -5.25 5.01 -2.58
N ALA A 174 -6.34 4.25 -2.64
CA ALA A 174 -7.65 4.76 -2.26
C ALA A 174 -7.65 5.06 -0.76
N TYR A 175 -7.12 4.12 0.01
CA TYR A 175 -7.03 4.31 1.46
C TYR A 175 -6.19 5.53 1.82
N LEU A 176 -5.18 5.82 0.99
CA LEU A 176 -4.35 7.00 1.17
C LEU A 176 -5.10 8.29 0.82
N LEU A 177 -5.60 8.38 -0.41
CA LEU A 177 -6.42 9.52 -0.81
C LEU A 177 -7.51 9.80 0.24
N LYS A 178 -8.17 8.74 0.68
CA LYS A 178 -9.19 8.84 1.73
C LYS A 178 -8.72 9.66 2.92
N ALA A 179 -7.56 9.29 3.46
CA ALA A 179 -7.03 9.91 4.66
C ALA A 179 -6.45 11.31 4.40
N MET A 180 -5.87 11.51 3.23
CA MET A 180 -5.27 12.82 2.90
C MET A 180 -6.31 13.89 2.56
N THR A 181 -7.35 13.50 1.83
CA THR A 181 -8.37 14.45 1.44
C THR A 181 -9.45 14.62 2.51
N GLN A 182 -9.68 13.59 3.30
CA GLN A 182 -10.65 13.69 4.40
C GLN A 182 -12.09 13.85 3.91
N ILE A 183 -12.33 13.45 2.67
CA ILE A 183 -13.65 13.54 2.06
C ILE A 183 -13.91 12.23 1.33
N PRO A 184 -15.14 11.98 0.88
CA PRO A 184 -15.40 10.71 0.20
C PRO A 184 -14.70 10.66 -1.16
N LEU A 185 -14.44 9.44 -1.64
CA LEU A 185 -13.72 9.27 -2.90
C LEU A 185 -14.60 9.67 -4.07
N PRO A 186 -13.97 10.18 -5.15
CA PRO A 186 -14.58 10.60 -6.41
C PRO A 186 -15.68 9.67 -6.91
N ALA A 187 -16.66 10.22 -7.61
CA ALA A 187 -17.75 9.40 -8.14
C ALA A 187 -17.30 8.66 -9.37
N GLU A 188 -16.68 9.39 -10.30
CA GLU A 188 -16.15 8.76 -11.50
C GLU A 188 -14.67 8.41 -11.35
N TYR A 189 -14.29 7.30 -11.95
CA TYR A 189 -12.92 6.83 -11.88
C TYR A 189 -11.90 7.83 -12.43
N GLU A 190 -12.26 8.51 -13.51
CA GLU A 190 -11.33 9.43 -14.18
C GLU A 190 -10.91 10.59 -13.28
N GLU A 191 -11.71 10.87 -12.25
CA GLU A 191 -11.32 11.85 -11.25
C GLU A 191 -10.35 11.23 -10.26
N PHE A 192 -10.70 10.03 -9.80
CA PHE A 192 -9.85 9.28 -8.89
C PHE A 192 -8.42 9.19 -9.42
N TYR A 193 -8.29 9.11 -10.74
CA TYR A 193 -6.97 8.95 -11.35
C TYR A 193 -6.26 10.29 -11.47
N LYS A 194 -7.03 11.35 -11.67
CA LYS A 194 -6.48 12.69 -11.76
C LYS A 194 -5.84 13.04 -10.42
N ILE A 195 -6.57 12.77 -9.34
CA ILE A 195 -6.11 13.07 -7.98
C ILE A 195 -4.93 12.20 -7.59
N LEU A 196 -5.06 10.91 -7.84
CA LEU A 196 -4.01 9.95 -7.66
C LEU A 196 -2.69 10.48 -8.20
N CYS A 197 -2.72 10.92 -9.46
CA CYS A 197 -1.51 11.40 -10.12
C CYS A 197 -0.98 12.71 -9.53
N ILE A 198 -1.82 13.42 -8.78
CA ILE A 198 -1.37 14.58 -8.05
C ILE A 198 -0.44 14.18 -6.90
N TYR A 199 -0.92 13.34 -6.01
CA TYR A 199 -0.17 12.98 -4.81
C TYR A 199 0.91 11.94 -5.07
N PHE A 200 0.74 11.15 -6.11
CA PHE A 200 1.70 10.12 -6.48
C PHE A 200 1.98 10.19 -7.96
N PRO A 201 2.68 11.27 -8.39
CA PRO A 201 2.96 11.54 -9.80
C PRO A 201 3.83 10.49 -10.49
N LYS A 202 4.49 9.63 -9.71
CA LYS A 202 5.41 8.65 -10.26
C LYS A 202 5.29 7.32 -9.52
N ASN A 203 4.59 6.35 -10.14
CA ASN A 203 4.30 5.07 -9.49
C ASN A 203 4.24 3.83 -10.41
N TYR A 204 4.59 2.68 -9.85
CA TYR A 204 4.52 1.42 -10.59
C TYR A 204 3.59 0.43 -9.91
N ASP A 205 2.59 -0.04 -10.64
CA ASP A 205 1.74 -1.12 -10.15
C ASP A 205 2.35 -2.43 -10.59
N ILE A 206 2.80 -3.23 -9.65
CA ILE A 206 3.46 -4.48 -9.98
C ILE A 206 2.51 -5.50 -10.61
N LYS A 207 1.29 -5.57 -10.10
CA LYS A 207 0.27 -6.44 -10.69
C LYS A 207 0.13 -6.15 -12.17
N TYR A 208 0.02 -4.88 -12.52
CA TYR A 208 -0.12 -4.47 -13.93
C TYR A 208 1.09 -4.90 -14.75
N ILE A 209 2.27 -4.84 -14.15
CA ILE A 209 3.47 -5.25 -14.85
C ILE A 209 3.55 -6.76 -15.01
N MET A 210 3.40 -7.49 -13.91
CA MET A 210 3.51 -8.94 -13.97
C MET A 210 2.44 -9.54 -14.87
N LYS A 211 1.23 -9.00 -14.78
CA LYS A 211 0.08 -9.56 -15.47
C LYS A 211 -0.11 -8.94 -16.85
N SER A 212 -0.47 -7.66 -16.89
CA SER A 212 -0.79 -7.01 -18.16
C SER A 212 0.37 -7.03 -19.16
N VAL A 213 1.58 -7.26 -18.65
CA VAL A 213 2.76 -7.17 -19.49
C VAL A 213 3.50 -8.49 -19.66
N LEU A 214 3.89 -9.12 -18.55
CA LEU A 214 4.66 -10.37 -18.62
C LEU A 214 3.74 -11.59 -18.61
N ASN A 215 2.43 -11.33 -18.64
CA ASN A 215 1.38 -12.35 -18.61
C ASN A 215 1.52 -13.40 -17.50
N ASN A 216 1.81 -12.89 -16.32
CA ASN A 216 1.92 -13.71 -15.12
C ASN A 216 0.74 -13.39 -14.17
N SER A 217 -0.07 -14.40 -13.88
CA SER A 217 -1.29 -14.24 -13.07
C SER A 217 -1.04 -14.32 -11.57
N LYS A 218 0.02 -15.03 -11.19
CA LYS A 218 0.32 -15.33 -9.80
C LYS A 218 0.26 -14.13 -8.88
N GLY A 219 -0.09 -14.40 -7.63
CA GLY A 219 -0.18 -13.38 -6.62
C GLY A 219 1.15 -13.15 -5.95
N LEU A 220 1.21 -12.10 -5.13
CA LEU A 220 2.46 -11.64 -4.53
C LEU A 220 3.37 -12.76 -4.06
N GLN A 221 2.96 -13.50 -3.03
CA GLN A 221 3.87 -14.51 -2.46
C GLN A 221 4.26 -15.62 -3.43
N ASP A 222 3.34 -16.03 -4.29
CA ASP A 222 3.66 -17.00 -5.34
C ASP A 222 4.80 -16.48 -6.23
N ILE A 223 4.67 -15.22 -6.63
CA ILE A 223 5.72 -14.53 -7.38
C ILE A 223 6.99 -14.45 -6.54
N ALA A 224 6.83 -14.09 -5.27
CA ALA A 224 7.95 -14.07 -4.35
C ALA A 224 8.68 -15.41 -4.34
N ASP A 225 7.91 -16.49 -4.41
CA ASP A 225 8.48 -17.84 -4.30
C ASP A 225 9.17 -18.33 -5.58
N ASP A 226 8.53 -18.16 -6.72
CA ASP A 226 9.13 -18.53 -7.99
C ASP A 226 10.49 -17.84 -8.16
N LEU A 227 10.66 -16.70 -7.49
CA LEU A 227 11.89 -15.94 -7.56
C LEU A 227 12.81 -16.25 -6.39
N GLN A 228 12.31 -17.07 -5.46
CA GLN A 228 13.07 -17.40 -4.27
C GLN A 228 13.48 -16.16 -3.48
N ILE A 229 12.50 -15.32 -3.16
CA ILE A 229 12.71 -14.15 -2.33
C ILE A 229 12.37 -14.49 -0.88
N HIS A 230 13.35 -14.38 -0.01
CA HIS A 230 13.15 -14.70 1.39
C HIS A 230 12.24 -13.67 2.06
N ARG A 231 11.09 -14.12 2.55
CA ARG A 231 10.17 -13.25 3.27
C ARG A 231 10.64 -12.92 4.69
N ILE A 232 10.81 -11.63 4.95
CA ILE A 232 11.15 -11.12 6.27
C ILE A 232 9.88 -10.73 7.00
N GLY A 233 9.45 -11.56 7.95
CA GLY A 233 8.24 -11.28 8.71
C GLY A 233 7.05 -12.18 8.38
N PRO A 234 5.91 -11.96 9.06
CA PRO A 234 4.76 -12.83 8.80
C PRO A 234 3.98 -12.42 7.54
N GLN A 235 3.46 -13.43 6.86
CA GLN A 235 2.55 -13.21 5.76
C GLN A 235 1.31 -12.44 6.23
N HIS A 236 0.66 -11.74 5.30
CA HIS A 236 -0.55 -10.95 5.60
C HIS A 236 -0.34 -9.78 6.57
N GLN A 237 0.89 -9.33 6.74
CA GLN A 237 1.13 -8.11 7.52
C GLN A 237 1.79 -7.04 6.66
N ALA A 238 1.28 -5.81 6.76
CA ALA A 238 1.63 -4.74 5.83
C ALA A 238 3.12 -4.46 5.70
N GLY A 239 3.82 -4.47 6.83
CA GLY A 239 5.25 -4.20 6.83
C GLY A 239 6.01 -5.22 6.00
N SER A 240 5.84 -6.48 6.37
CA SER A 240 6.51 -7.57 5.67
C SER A 240 6.15 -7.64 4.19
N ASP A 241 4.88 -7.38 3.86
CA ASP A 241 4.37 -7.41 2.48
C ASP A 241 4.90 -6.25 1.61
N ALA A 242 5.06 -5.08 2.21
CA ALA A 242 5.59 -3.92 1.51
C ALA A 242 7.04 -4.18 1.14
N LEU A 243 7.77 -4.78 2.08
CA LEU A 243 9.13 -5.22 1.87
C LEU A 243 9.23 -6.20 0.70
N LEU A 244 8.39 -7.21 0.73
CA LEU A 244 8.35 -8.21 -0.31
C LEU A 244 8.09 -7.58 -1.67
N THR A 245 7.20 -6.60 -1.67
CA THR A 245 6.84 -5.84 -2.87
C THR A 245 8.09 -5.16 -3.44
N ALA A 246 8.81 -4.44 -2.58
CA ALA A 246 10.05 -3.78 -2.95
C ALA A 246 11.00 -4.77 -3.64
N ARG A 247 11.30 -5.87 -2.94
CA ARG A 247 12.24 -6.83 -3.45
C ARG A 247 11.78 -7.47 -4.77
N ILE A 248 10.51 -7.85 -4.85
CA ILE A 248 9.94 -8.33 -6.11
C ILE A 248 10.21 -7.35 -7.24
N PHE A 249 9.84 -6.08 -7.05
CA PHE A 249 10.04 -5.06 -8.08
C PHE A 249 11.48 -5.05 -8.62
N PHE A 250 12.46 -5.00 -7.72
CA PHE A 250 13.85 -4.90 -8.17
C PHE A 250 14.36 -6.18 -8.83
N GLU A 251 13.97 -7.32 -8.31
CA GLU A 251 14.28 -8.59 -8.96
C GLU A 251 13.72 -8.56 -10.37
N ILE A 252 12.45 -8.24 -10.49
CA ILE A 252 11.80 -8.13 -11.79
C ILE A 252 12.50 -7.14 -12.71
N ARG A 253 12.90 -5.99 -12.16
CA ARG A 253 13.49 -4.96 -13.00
C ARG A 253 14.81 -5.40 -13.62
N SER A 254 15.55 -6.24 -12.89
CA SER A 254 16.82 -6.72 -13.43
C SER A 254 16.64 -7.97 -14.30
N ARG A 255 15.85 -8.93 -13.82
CA ARG A 255 15.65 -10.21 -14.51
C ARG A 255 15.06 -10.09 -15.90
N TYR A 256 14.07 -9.23 -16.05
CA TYR A 256 13.29 -9.22 -17.29
C TYR A 256 13.40 -7.90 -18.05
N PHE A 257 13.84 -6.85 -17.37
CA PHE A 257 13.89 -5.52 -17.98
C PHE A 257 15.30 -5.02 -18.13
N ASP A 258 16.26 -5.87 -17.76
CA ASP A 258 17.65 -5.48 -17.76
C ASP A 258 17.82 -4.07 -17.16
N GLY A 259 17.56 -3.95 -15.86
CA GLY A 259 17.87 -2.74 -15.08
C GLY A 259 17.00 -1.50 -15.25
N SER A 260 16.21 -1.44 -16.32
CA SER A 260 15.40 -0.26 -16.57
C SER A 260 13.93 -0.64 -16.79
N ILE A 261 13.06 -0.20 -15.88
CA ILE A 261 11.64 -0.45 -16.07
C ILE A 261 11.06 0.40 -17.21
N ASP A 262 10.59 -0.28 -18.24
CA ASP A 262 9.93 0.38 -19.35
C ASP A 262 8.92 1.40 -18.80
N SER A 263 9.11 2.67 -19.11
CA SER A 263 8.32 3.71 -18.47
C SER A 263 6.96 3.94 -19.11
N ARG A 264 6.62 3.13 -20.11
CA ARG A 264 5.27 3.11 -20.65
C ARG A 264 4.32 2.52 -19.59
N MET A 265 4.92 1.93 -18.56
CA MET A 265 4.20 1.29 -17.47
C MET A 265 4.07 2.17 -16.24
N LEU A 266 4.68 3.34 -16.30
CA LEU A 266 4.56 4.30 -15.20
C LEU A 266 3.10 4.74 -15.09
N ASN A 267 2.58 4.74 -13.87
CA ASN A 267 1.21 5.19 -13.57
C ASN A 267 0.08 4.30 -14.11
N GLN A 268 0.42 3.11 -14.59
CA GLN A 268 -0.61 2.19 -15.09
C GLN A 268 -1.22 1.36 -13.96
N LEU A 269 -2.53 1.49 -13.80
CA LEU A 269 -3.24 0.81 -12.71
C LEU A 269 -4.01 -0.42 -13.18
N TYR A 270 -3.71 -1.57 -12.57
CA TYR A 270 -4.31 -2.83 -12.97
C TYR A 270 -5.81 -2.94 -12.70
N GLY A 271 -6.59 -3.00 -13.77
CA GLY A 271 -8.02 -3.24 -13.65
C GLY A 271 -8.84 -1.96 -13.61
N LEU A 272 -8.31 -0.89 -14.18
CA LEU A 272 -8.94 0.42 -14.12
C LEU A 272 -8.95 1.17 -15.45
MG MG B . -1.86 -7.33 1.85
MN MN C . -2.03 -5.31 -1.17
#